data_8V7W
#
_entry.id   8V7W
#
_cell.length_a   34.338
_cell.length_b   64.183
_cell.length_c   82.195
_cell.angle_alpha   90.00
_cell.angle_beta   94.65
_cell.angle_gamma   90.00
#
_symmetry.space_group_name_H-M   'P 1 21 1'
#
loop_
_entity.id
_entity.type
_entity.pdbx_description
1 polymer 'Replicase polyprotein 1ab'
2 water water
#
_entity_poly.entity_id   1
_entity_poly.type   'polypeptide(L)'
_entity_poly.pdbx_seq_one_letter_code
;SGTSAVLQSGFRKMAFPSGKVEGCMVQVTCGTTTLNGLWLDDVVYCPRHVICTSEDMLNPNYEDLLIRKSNHNFLVQAGN
VQLRVIGHSMQNCVLKLKVDTANPKTPKYKFVRIQPGQTFSVLACYNGSPSGVYQCAMRPNFTIKGSFLNGSAGSVGFNI
DYDCVSFCYMHHMELPTGVHAGTDLEGNFYGPFVDRQTAQAAGTDTTLEHHHHHH
;
_entity_poly.pdbx_strand_id   A,B
#
# COMPACT_ATOMS: atom_id res chain seq x y z
N MET A 14 3.24 5.82 8.52
CA MET A 14 3.89 7.06 8.17
C MET A 14 3.97 7.10 6.65
N ALA A 15 3.82 5.93 6.02
CA ALA A 15 3.62 5.89 4.59
C ALA A 15 2.12 6.00 4.28
N PHE A 16 1.80 6.59 3.14
CA PHE A 16 0.42 6.63 2.70
C PHE A 16 -0.03 5.26 2.22
N PRO A 17 -1.31 4.91 2.41
CA PRO A 17 -1.82 3.68 1.78
C PRO A 17 -1.58 3.75 0.29
N SER A 18 -1.10 2.64 -0.28
CA SER A 18 -0.59 2.61 -1.64
C SER A 18 -1.58 2.08 -2.67
N GLY A 19 -2.77 1.69 -2.26
CA GLY A 19 -3.67 0.99 -3.18
C GLY A 19 -3.98 1.79 -4.45
N LYS A 20 -4.17 3.10 -4.31
CA LYS A 20 -4.48 3.92 -5.49
C LYS A 20 -3.35 3.88 -6.52
N VAL A 21 -2.11 3.81 -6.07
CA VAL A 21 -0.98 3.79 -6.99
C VAL A 21 -0.67 2.38 -7.48
N GLU A 22 -0.88 1.36 -6.66
CA GLU A 22 -0.60 -0.01 -7.11
C GLU A 22 -1.37 -0.34 -8.39
N GLY A 23 -2.60 0.17 -8.51
CA GLY A 23 -3.41 -0.07 -9.69
C GLY A 23 -2.93 0.65 -10.94
N CYS A 24 -1.92 1.52 -10.82
CA CYS A 24 -1.33 2.22 -11.96
C CYS A 24 0.02 1.66 -12.40
N MET A 25 0.57 0.66 -11.71
CA MET A 25 1.94 0.21 -12.00
C MET A 25 1.92 -0.89 -13.05
N VAL A 26 2.76 -0.73 -14.08
CA VAL A 26 2.89 -1.66 -15.19
C VAL A 26 4.35 -2.02 -15.37
N GLN A 27 4.58 -3.09 -16.15
CA GLN A 27 5.91 -3.51 -16.54
C GLN A 27 6.17 -3.07 -17.97
N VAL A 28 7.31 -2.43 -18.21
CA VAL A 28 7.65 -1.96 -19.55
C VAL A 28 8.92 -2.68 -19.99
N THR A 29 8.88 -3.31 -21.16
CA THR A 29 10.03 -4.02 -21.70
C THR A 29 10.40 -3.49 -23.08
N CYS A 30 11.70 -3.28 -23.29
CA CYS A 30 12.25 -2.93 -24.59
C CYS A 30 13.52 -3.74 -24.79
N GLY A 31 13.51 -4.65 -25.76
CA GLY A 31 14.63 -5.54 -25.94
C GLY A 31 14.82 -6.45 -24.74
N THR A 32 15.99 -6.40 -24.10
CA THR A 32 16.25 -7.18 -22.91
C THR A 32 16.10 -6.37 -21.63
N THR A 33 15.65 -5.12 -21.73
CA THR A 33 15.58 -4.24 -20.57
C THR A 33 14.13 -4.16 -20.08
N THR A 34 13.92 -4.41 -18.79
CA THR A 34 12.60 -4.30 -18.18
C THR A 34 12.66 -3.36 -16.98
N LEU A 35 11.70 -2.43 -16.92
CA LEU A 35 11.56 -1.59 -15.74
C LEU A 35 10.08 -1.26 -15.56
N ASN A 36 9.77 -0.36 -14.63
CA ASN A 36 8.39 -0.08 -14.22
C ASN A 36 7.85 1.18 -14.92
N GLY A 37 6.53 1.19 -15.15
CA GLY A 37 5.88 2.36 -15.73
C GLY A 37 4.63 2.73 -14.95
N LEU A 38 4.18 3.97 -15.17
CA LEU A 38 3.01 4.51 -14.51
C LEU A 38 1.93 4.72 -15.56
N TRP A 39 0.80 4.05 -15.39
CA TRP A 39 -0.25 3.99 -16.41
C TRP A 39 -1.43 4.85 -15.91
N LEU A 40 -1.61 6.02 -16.53
CA LEU A 40 -2.68 6.95 -16.21
C LEU A 40 -3.45 7.23 -17.49
N ASP A 41 -4.78 7.08 -17.44
CA ASP A 41 -5.62 7.14 -18.64
C ASP A 41 -5.01 6.22 -19.71
N ASP A 42 -4.74 6.69 -20.93
CA ASP A 42 -4.16 5.84 -21.97
C ASP A 42 -2.69 6.15 -22.21
N VAL A 43 -1.96 6.56 -21.18
CA VAL A 43 -0.55 6.86 -21.32
C VAL A 43 0.23 6.12 -20.25
N VAL A 44 1.40 5.62 -20.63
CA VAL A 44 2.33 4.99 -19.71
C VAL A 44 3.58 5.84 -19.64
N TYR A 45 3.94 6.30 -18.44
CA TYR A 45 5.17 7.07 -18.21
C TYR A 45 6.26 6.17 -17.68
N CYS A 46 7.49 6.31 -18.19
CA CYS A 46 8.56 5.46 -17.71
C CYS A 46 9.90 6.13 -17.97
N PRO A 47 10.97 5.66 -17.34
CA PRO A 47 12.29 6.25 -17.59
C PRO A 47 12.72 5.98 -19.01
N ARG A 48 13.28 7.01 -19.67
CA ARG A 48 13.65 6.82 -21.06
C ARG A 48 14.80 5.81 -21.24
N HIS A 49 15.54 5.49 -20.20
CA HIS A 49 16.65 4.55 -20.39
C HIS A 49 16.19 3.09 -20.50
N VAL A 50 14.88 2.86 -20.56
CA VAL A 50 14.39 1.53 -20.94
C VAL A 50 14.84 1.17 -22.35
N ILE A 51 15.15 2.17 -23.19
CA ILE A 51 15.59 1.85 -24.54
C ILE A 51 17.07 1.55 -24.62
N CYS A 52 17.77 1.55 -23.48
CA CYS A 52 19.18 1.20 -23.41
C CYS A 52 19.38 -0.24 -22.97
N THR A 53 20.45 -0.84 -23.48
CA THR A 53 21.01 -2.05 -22.90
C THR A 53 22.01 -1.67 -21.80
N SER A 54 22.60 -2.69 -21.19
CA SER A 54 23.65 -2.44 -20.19
C SER A 54 24.80 -1.63 -20.76
N GLU A 55 25.18 -1.90 -22.02
CA GLU A 55 26.30 -1.20 -22.63
C GLU A 55 25.94 0.24 -22.98
N ASP A 56 24.67 0.49 -23.35
CA ASP A 56 24.29 1.83 -23.80
C ASP A 56 24.38 2.86 -22.70
N MET A 57 24.25 2.45 -21.44
CA MET A 57 24.10 3.41 -20.33
C MET A 57 25.35 4.23 -20.07
N LEU A 58 26.51 3.85 -20.63
CA LEU A 58 27.72 4.62 -20.36
C LEU A 58 27.60 6.04 -20.89
N ASN A 59 27.19 6.19 -22.15
CA ASN A 59 27.09 7.52 -22.75
C ASN A 59 26.09 7.50 -23.90
N PRO A 60 24.81 7.22 -23.63
CA PRO A 60 23.86 6.99 -24.71
C PRO A 60 23.40 8.27 -25.40
N ASN A 61 23.19 8.14 -26.70
CA ASN A 61 22.59 9.18 -27.53
C ASN A 61 21.09 8.87 -27.60
N TYR A 62 20.30 9.50 -26.71
CA TYR A 62 18.92 9.07 -26.54
C TYR A 62 18.08 9.36 -27.77
N GLU A 63 18.31 10.51 -28.41
CA GLU A 63 17.57 10.85 -29.63
C GLU A 63 17.80 9.83 -30.72
N ASP A 64 19.07 9.44 -30.94
CA ASP A 64 19.42 8.44 -31.95
C ASP A 64 18.83 7.07 -31.61
N LEU A 65 18.90 6.68 -30.33
CA LEU A 65 18.37 5.37 -29.95
C LEU A 65 16.86 5.31 -30.13
N LEU A 66 16.14 6.38 -29.79
CA LEU A 66 14.68 6.33 -29.87
C LEU A 66 14.19 6.40 -31.32
N ILE A 67 14.88 7.15 -32.17
CA ILE A 67 14.48 7.25 -33.58
C ILE A 67 14.51 5.89 -34.27
N ARG A 68 15.35 4.99 -33.79
CA ARG A 68 15.40 3.64 -34.37
C ARG A 68 14.41 2.67 -33.73
N LYS A 69 13.59 3.11 -32.79
CA LYS A 69 12.62 2.24 -32.15
C LYS A 69 11.25 2.45 -32.79
N SER A 70 10.45 1.39 -32.82
CA SER A 70 9.08 1.43 -33.28
C SER A 70 8.15 1.11 -32.12
N ASN A 71 6.85 1.32 -32.35
CA ASN A 71 5.86 1.01 -31.31
C ASN A 71 5.94 -0.46 -30.91
N HIS A 72 6.17 -1.36 -31.85
CA HIS A 72 6.15 -2.77 -31.50
C HIS A 72 7.42 -3.23 -30.79
N ASN A 73 8.43 -2.38 -30.67
CA ASN A 73 9.59 -2.70 -29.84
C ASN A 73 9.31 -2.60 -28.35
N PHE A 74 8.20 -2.00 -27.94
CA PHE A 74 7.85 -1.84 -26.54
C PHE A 74 6.82 -2.89 -26.15
N LEU A 75 7.08 -3.61 -25.06
CA LEU A 75 6.13 -4.55 -24.47
C LEU A 75 5.66 -3.99 -23.14
N VAL A 76 4.36 -3.80 -22.99
CA VAL A 76 3.79 -3.23 -21.78
C VAL A 76 2.74 -4.20 -21.24
N GLN A 77 2.80 -4.46 -19.95
CA GLN A 77 1.90 -5.43 -19.35
C GLN A 77 1.44 -4.93 -18.00
N ALA A 78 0.12 -4.96 -17.79
CA ALA A 78 -0.53 -4.55 -16.56
C ALA A 78 -1.12 -5.82 -15.94
N GLY A 79 -0.42 -6.38 -14.96
CA GLY A 79 -0.79 -7.69 -14.50
C GLY A 79 -0.54 -8.68 -15.62
N ASN A 80 -1.59 -9.32 -16.13
CA ASN A 80 -1.45 -10.20 -17.28
C ASN A 80 -2.08 -9.64 -18.55
N VAL A 81 -2.58 -8.40 -18.54
CA VAL A 81 -3.15 -7.79 -19.74
C VAL A 81 -2.04 -7.06 -20.49
N GLN A 82 -1.89 -7.36 -21.77
CA GLN A 82 -0.91 -6.66 -22.60
C GLN A 82 -1.53 -5.37 -23.12
N LEU A 83 -0.80 -4.27 -22.98
CA LEU A 83 -1.22 -2.97 -23.51
C LEU A 83 -0.41 -2.68 -24.76
N ARG A 84 -1.08 -2.53 -25.90
CA ARG A 84 -0.36 -2.33 -27.16
C ARG A 84 0.01 -0.86 -27.29
N VAL A 85 1.27 -0.60 -27.62
CA VAL A 85 1.75 0.77 -27.77
C VAL A 85 1.42 1.26 -29.17
N ILE A 86 0.75 2.40 -29.26
CA ILE A 86 0.36 3.01 -30.53
C ILE A 86 1.06 4.35 -30.78
N GLY A 87 1.84 4.84 -29.83
CA GLY A 87 2.63 6.03 -30.07
C GLY A 87 3.66 6.19 -28.99
N HIS A 88 4.73 6.90 -29.32
CA HIS A 88 5.74 7.14 -28.29
C HIS A 88 6.32 8.52 -28.51
N SER A 89 6.64 9.19 -27.42
CA SER A 89 7.40 10.43 -27.52
C SER A 89 8.24 10.58 -26.26
N MET A 90 9.31 11.36 -26.36
CA MET A 90 10.24 11.57 -25.25
C MET A 90 10.02 12.98 -24.72
N GLN A 91 9.79 13.10 -23.41
CA GLN A 91 9.68 14.40 -22.75
C GLN A 91 10.79 14.50 -21.72
N ASN A 92 11.86 15.22 -22.05
CA ASN A 92 13.02 15.34 -21.16
C ASN A 92 13.48 13.91 -20.90
N CYS A 93 13.52 13.43 -19.65
CA CYS A 93 14.02 12.10 -19.31
C CYS A 93 12.93 11.05 -19.15
N VAL A 94 11.68 11.38 -19.41
CA VAL A 94 10.68 10.32 -19.34
C VAL A 94 10.17 10.06 -20.75
N LEU A 95 9.74 8.82 -20.95
CA LEU A 95 9.16 8.37 -22.19
C LEU A 95 7.67 8.28 -21.94
N LYS A 96 6.87 8.77 -22.90
CA LYS A 96 5.41 8.69 -22.82
C LYS A 96 4.95 7.74 -23.91
N LEU A 97 4.40 6.59 -23.50
CA LEU A 97 3.90 5.59 -24.43
C LEU A 97 2.38 5.66 -24.44
N LYS A 98 1.79 5.94 -25.59
CA LYS A 98 0.33 5.98 -25.71
C LYS A 98 -0.12 4.56 -25.98
N VAL A 99 -1.10 4.07 -25.24
CA VAL A 99 -1.52 2.68 -25.36
C VAL A 99 -2.99 2.62 -25.85
N ASP A 100 -3.42 1.42 -26.24
CA ASP A 100 -4.73 1.28 -26.90
C ASP A 100 -5.90 1.08 -25.94
N THR A 101 -5.73 1.32 -24.65
CA THR A 101 -6.84 1.27 -23.72
C THR A 101 -6.49 2.14 -22.53
N ALA A 102 -7.51 2.65 -21.84
CA ALA A 102 -7.32 3.55 -20.70
C ALA A 102 -7.41 2.78 -19.39
N ASN A 103 -6.63 3.21 -18.40
CA ASN A 103 -6.60 2.53 -17.11
C ASN A 103 -7.89 2.80 -16.35
N PRO A 104 -8.75 1.80 -16.12
CA PRO A 104 -10.01 2.09 -15.43
C PRO A 104 -9.82 2.44 -13.96
N LYS A 105 -8.62 2.26 -13.39
CA LYS A 105 -8.36 2.62 -12.01
C LYS A 105 -7.57 3.92 -11.88
N THR A 106 -7.57 4.75 -12.92
CA THR A 106 -6.87 6.03 -12.84
C THR A 106 -7.47 6.88 -11.73
N PRO A 107 -6.72 7.24 -10.69
CA PRO A 107 -7.26 8.10 -9.65
C PRO A 107 -7.28 9.55 -10.13
N LYS A 108 -7.92 10.41 -9.34
CA LYS A 108 -7.70 11.84 -9.51
C LYS A 108 -6.26 12.12 -9.15
N TYR A 109 -5.59 12.94 -9.95
CA TYR A 109 -4.15 13.07 -9.74
C TYR A 109 -3.66 14.41 -10.25
N LYS A 110 -2.49 14.83 -9.74
CA LYS A 110 -1.76 15.95 -10.31
C LYS A 110 -0.27 15.66 -10.22
N PHE A 111 0.50 16.26 -11.12
CA PHE A 111 1.96 16.18 -11.12
C PHE A 111 2.49 17.42 -10.42
N VAL A 112 3.35 17.21 -9.40
CA VAL A 112 3.90 18.33 -8.64
C VAL A 112 5.40 18.16 -8.54
N ARG A 113 6.09 19.28 -8.38
CA ARG A 113 7.53 19.27 -8.15
C ARG A 113 7.76 19.64 -6.69
N ILE A 114 8.47 18.78 -5.95
CA ILE A 114 8.66 19.08 -4.53
C ILE A 114 10.04 19.70 -4.32
N GLN A 115 10.40 19.95 -3.07
CA GLN A 115 11.63 20.60 -2.65
C GLN A 115 12.30 19.74 -1.59
N PRO A 116 13.62 19.87 -1.41
CA PRO A 116 14.29 19.10 -0.37
C PRO A 116 13.66 19.36 0.99
N GLY A 117 13.61 18.30 1.80
CA GLY A 117 12.99 18.37 3.11
C GLY A 117 11.52 18.00 3.15
N GLN A 118 10.84 18.01 2.02
CA GLN A 118 9.46 17.56 1.95
C GLN A 118 9.43 16.04 1.88
N THR A 119 8.51 15.42 2.59
CA THR A 119 8.41 13.97 2.61
C THR A 119 7.41 13.49 1.57
N PHE A 120 7.58 12.24 1.15
CA PHE A 120 6.64 11.61 0.22
C PHE A 120 6.79 10.12 0.37
N SER A 121 5.76 9.38 -0.08
CA SER A 121 5.83 7.93 -0.03
C SER A 121 6.36 7.39 -1.34
N VAL A 122 7.21 6.36 -1.27
CA VAL A 122 7.69 5.70 -2.49
C VAL A 122 7.11 4.29 -2.53
N LEU A 123 6.53 3.92 -3.67
CA LEU A 123 6.12 2.54 -3.90
C LEU A 123 7.21 1.88 -4.73
N ALA A 124 8.05 1.08 -4.08
CA ALA A 124 9.11 0.39 -4.78
C ALA A 124 8.53 -0.80 -5.54
N CYS A 125 8.83 -0.89 -6.83
CA CYS A 125 8.34 -1.96 -7.69
C CYS A 125 9.48 -2.63 -8.45
N TYR A 126 9.26 -3.90 -8.83
CA TYR A 126 10.17 -4.64 -9.69
C TYR A 126 9.35 -5.41 -10.72
N ASN A 127 9.73 -5.30 -11.99
CA ASN A 127 9.00 -5.93 -13.10
C ASN A 127 7.53 -5.54 -13.08
N GLY A 128 7.22 -4.33 -12.62
CA GLY A 128 5.86 -3.87 -12.60
C GLY A 128 5.05 -4.32 -11.40
N SER A 129 5.65 -5.08 -10.48
CA SER A 129 4.95 -5.60 -9.31
C SER A 129 5.34 -4.81 -8.06
N PRO A 130 4.37 -4.25 -7.33
CA PRO A 130 4.70 -3.52 -6.09
C PRO A 130 5.36 -4.44 -5.07
N SER A 131 6.45 -3.95 -4.48
CA SER A 131 7.24 -4.67 -3.50
C SER A 131 7.20 -4.07 -2.09
N GLY A 132 7.13 -2.76 -1.96
CA GLY A 132 7.08 -2.18 -0.62
C GLY A 132 6.80 -0.70 -0.71
N VAL A 133 6.49 -0.10 0.43
CA VAL A 133 6.19 1.32 0.48
C VAL A 133 6.92 1.91 1.68
N TYR A 134 7.45 3.12 1.52
CA TYR A 134 8.17 3.70 2.64
C TYR A 134 8.20 5.22 2.44
N GLN A 135 8.35 5.94 3.54
CA GLN A 135 8.40 7.39 3.49
C GLN A 135 9.85 7.82 3.40
N CYS A 136 10.12 8.83 2.58
CA CYS A 136 11.45 9.41 2.56
CA CYS A 136 11.45 9.41 2.56
C CYS A 136 11.34 10.89 2.27
N ALA A 137 12.49 11.55 2.31
CA ALA A 137 12.56 12.98 2.10
C ALA A 137 13.74 13.23 1.20
N MET A 138 13.60 14.24 0.35
CA MET A 138 14.70 14.60 -0.51
C MET A 138 15.71 15.38 0.31
N ARG A 139 16.97 14.98 0.22
CA ARG A 139 18.07 15.62 0.92
C ARG A 139 18.42 16.92 0.21
N PRO A 140 19.23 17.79 0.85
CA PRO A 140 19.47 19.12 0.25
C PRO A 140 20.24 19.07 -1.08
N ASN A 141 20.95 17.99 -1.38
CA ASN A 141 21.59 17.86 -2.69
C ASN A 141 20.70 17.13 -3.70
N PHE A 142 19.40 17.00 -3.41
CA PHE A 142 18.39 16.44 -4.32
C PHE A 142 18.58 14.94 -4.56
N THR A 143 19.17 14.24 -3.61
CA THR A 143 19.25 12.78 -3.68
C THR A 143 18.39 12.19 -2.59
N ILE A 144 18.12 10.89 -2.73
CA ILE A 144 17.34 10.17 -1.74
C ILE A 144 18.07 8.93 -1.31
N LYS A 145 18.01 8.65 -0.04
CA LYS A 145 18.58 7.44 0.53
C LYS A 145 17.45 6.43 0.67
N GLY A 146 17.53 5.35 -0.08
CA GLY A 146 16.49 4.35 -0.03
C GLY A 146 17.05 2.98 -0.33
N SER A 147 16.16 2.00 -0.29
CA SER A 147 16.51 0.61 -0.57
C SER A 147 15.90 0.24 -1.91
N PHE A 148 16.63 0.54 -2.99
CA PHE A 148 16.27 0.11 -4.32
C PHE A 148 17.32 -0.85 -4.85
N LEU A 149 16.86 -1.91 -5.50
CA LEU A 149 17.74 -2.85 -6.17
C LEU A 149 17.66 -2.60 -7.66
N ASN A 150 18.45 -3.34 -8.43
CA ASN A 150 18.34 -3.28 -9.88
C ASN A 150 16.91 -3.59 -10.30
N GLY A 151 16.39 -2.81 -11.25
CA GLY A 151 15.04 -3.00 -11.73
C GLY A 151 14.01 -2.11 -11.07
N SER A 152 14.39 -1.34 -10.05
CA SER A 152 13.48 -0.43 -9.37
C SER A 152 13.15 0.82 -10.19
N ALA A 153 13.93 1.12 -11.23
CA ALA A 153 13.68 2.32 -12.03
C ALA A 153 12.22 2.37 -12.49
N GLY A 154 11.62 3.56 -12.41
CA GLY A 154 10.22 3.71 -12.75
C GLY A 154 9.29 3.68 -11.56
N SER A 155 9.77 3.23 -10.39
CA SER A 155 9.03 3.40 -9.15
C SER A 155 8.73 4.88 -8.90
N VAL A 156 7.56 5.17 -8.29
CA VAL A 156 7.15 6.56 -8.16
C VAL A 156 6.96 6.96 -6.71
N GLY A 157 7.03 8.26 -6.48
CA GLY A 157 6.83 8.83 -5.15
C GLY A 157 5.59 9.71 -5.23
N PHE A 158 4.88 9.80 -4.10
CA PHE A 158 3.57 10.44 -4.13
C PHE A 158 3.15 10.86 -2.72
N ASN A 159 2.20 11.78 -2.69
CA ASN A 159 1.46 12.14 -1.50
C ASN A 159 -0.03 12.01 -1.82
N ILE A 160 -0.85 11.86 -0.79
CA ILE A 160 -2.30 11.79 -0.94
C ILE A 160 -2.93 13.00 -0.29
N ASP A 161 -3.73 13.73 -1.05
CA ASP A 161 -4.48 14.89 -0.56
C ASP A 161 -5.95 14.54 -0.69
N TYR A 162 -6.55 14.17 0.46
CA TYR A 162 -7.96 13.69 0.45
C TYR A 162 -8.00 12.54 -0.56
N ASP A 163 -8.59 12.77 -1.73
CA ASP A 163 -8.74 11.68 -2.75
C ASP A 163 -7.84 11.94 -3.96
N CYS A 164 -6.98 12.97 -3.91
CA CYS A 164 -6.13 13.30 -5.03
C CYS A 164 -4.72 12.81 -4.76
N VAL A 165 -4.14 12.10 -5.72
CA VAL A 165 -2.76 11.60 -5.63
C VAL A 165 -1.84 12.59 -6.33
N SER A 166 -0.91 13.15 -5.58
CA SER A 166 0.09 14.07 -6.12
C SER A 166 1.37 13.27 -6.36
N PHE A 167 1.66 12.99 -7.64
CA PHE A 167 2.89 12.29 -8.02
C PHE A 167 4.00 13.32 -8.12
N CYS A 168 5.10 13.03 -7.45
CA CYS A 168 6.18 14.00 -7.34
C CYS A 168 7.54 13.44 -7.69
N TYR A 169 7.68 12.13 -7.90
CA TYR A 169 9.01 11.56 -8.09
C TYR A 169 8.89 10.30 -8.93
N MET A 170 9.85 10.13 -9.83
CA MET A 170 10.08 8.87 -10.52
C MET A 170 11.55 8.50 -10.38
N HIS A 171 11.79 7.27 -9.94
CA HIS A 171 13.15 6.82 -9.67
C HIS A 171 13.86 6.51 -10.98
N HIS A 172 15.12 6.97 -11.11
CA HIS A 172 15.87 6.67 -12.32
C HIS A 172 17.17 5.93 -12.08
N MET A 173 18.02 6.33 -11.15
CA MET A 173 19.33 5.68 -11.05
CA MET A 173 19.32 5.67 -11.05
C MET A 173 19.90 5.72 -9.66
N GLU A 174 20.80 4.77 -9.41
CA GLU A 174 21.59 4.75 -8.19
C GLU A 174 22.90 5.46 -8.50
N LEU A 175 23.27 6.38 -7.66
CA LEU A 175 24.50 7.14 -7.90
C LEU A 175 25.69 6.39 -7.31
N PRO A 176 26.92 6.71 -7.76
CA PRO A 176 28.11 5.99 -7.26
C PRO A 176 28.20 5.92 -5.73
N THR A 177 27.78 6.97 -5.05
CA THR A 177 27.76 7.01 -3.59
C THR A 177 26.66 6.14 -2.97
N GLY A 178 25.85 5.45 -3.76
CA GLY A 178 24.78 4.63 -3.21
C GLY A 178 23.52 5.36 -2.82
N VAL A 179 23.40 6.65 -3.10
CA VAL A 179 22.15 7.38 -2.96
C VAL A 179 21.47 7.37 -4.32
N HIS A 180 20.27 7.94 -4.42
CA HIS A 180 19.44 7.73 -5.60
C HIS A 180 18.96 9.05 -6.16
N ALA A 181 18.78 9.07 -7.49
CA ALA A 181 18.42 10.28 -8.24
C ALA A 181 17.20 9.97 -9.10
N GLY A 182 16.35 10.98 -9.27
CA GLY A 182 15.12 10.79 -10.07
C GLY A 182 14.65 12.08 -10.72
N THR A 183 13.53 11.96 -11.39
CA THR A 183 12.93 13.10 -11.99
C THR A 183 11.55 13.31 -11.42
N ASP A 184 10.95 14.39 -11.86
CA ASP A 184 9.56 14.61 -11.62
C ASP A 184 8.82 13.91 -12.77
N LEU A 185 7.50 13.97 -12.74
CA LEU A 185 6.71 13.35 -13.79
C LEU A 185 6.74 14.03 -15.16
N GLU A 186 7.30 15.21 -15.25
CA GLU A 186 7.54 15.91 -16.46
C GLU A 186 8.90 15.55 -16.99
N GLY A 187 9.64 14.66 -16.32
CA GLY A 187 10.90 14.19 -16.85
C GLY A 187 12.11 15.04 -16.52
N ASN A 188 11.98 16.02 -15.62
CA ASN A 188 13.11 16.89 -15.26
C ASN A 188 13.79 16.34 -13.99
N PHE A 189 15.09 16.12 -14.07
CA PHE A 189 15.79 15.62 -12.89
C PHE A 189 15.68 16.58 -11.72
N TYR A 190 15.58 16.02 -10.52
CA TYR A 190 15.83 16.79 -9.32
C TYR A 190 17.34 16.98 -9.21
N GLY A 191 17.80 18.23 -9.14
CA GLY A 191 19.23 18.48 -9.13
C GLY A 191 19.87 18.39 -10.50
N PRO A 192 21.20 18.47 -10.55
CA PRO A 192 21.92 18.50 -11.84
C PRO A 192 22.26 17.14 -12.43
N PHE A 193 21.68 16.04 -11.93
CA PHE A 193 22.09 14.72 -12.35
C PHE A 193 21.58 14.41 -13.75
N VAL A 194 22.15 13.36 -14.37
CA VAL A 194 21.85 12.96 -15.73
C VAL A 194 21.67 11.45 -15.75
N ASP A 195 20.91 10.95 -16.73
CA ASP A 195 20.65 9.52 -16.84
C ASP A 195 21.71 8.87 -17.74
N ARG A 196 22.93 8.84 -17.21
CA ARG A 196 24.04 8.14 -17.85
C ARG A 196 25.10 7.92 -16.78
N GLN A 197 26.01 6.99 -17.06
CA GLN A 197 26.99 6.68 -16.04
C GLN A 197 28.24 7.55 -16.16
N THR A 198 28.74 7.73 -17.37
CA THR A 198 29.86 8.64 -17.63
C THR A 198 29.49 10.08 -17.27
N ALA A 199 30.47 10.83 -16.75
CA ALA A 199 30.35 12.27 -16.59
C ALA A 199 29.13 12.64 -15.74
N GLN A 200 28.98 11.96 -14.61
CA GLN A 200 27.88 12.25 -13.71
C GLN A 200 28.22 13.42 -12.79
N ALA A 201 27.18 14.15 -12.40
CA ALA A 201 27.29 15.12 -11.31
C ALA A 201 27.25 14.36 -9.99
N MET B 14 10.91 -1.78 5.33
CA MET B 14 9.90 -1.37 4.35
C MET B 14 8.57 -2.06 4.59
N ALA B 15 7.49 -1.28 4.74
CA ALA B 15 6.16 -1.84 4.86
C ALA B 15 5.75 -2.52 3.55
N PHE B 16 4.78 -3.44 3.65
CA PHE B 16 4.26 -4.05 2.44
C PHE B 16 3.24 -3.10 1.80
N PRO B 17 3.04 -3.16 0.48
CA PRO B 17 1.96 -2.39 -0.14
C PRO B 17 0.62 -2.81 0.45
N SER B 18 -0.27 -1.85 0.64
CA SER B 18 -1.49 -2.08 1.42
C SER B 18 -2.72 -2.31 0.57
N GLY B 19 -2.60 -2.26 -0.76
CA GLY B 19 -3.78 -2.28 -1.62
C GLY B 19 -4.68 -3.48 -1.38
N LYS B 20 -4.11 -4.65 -1.23
CA LYS B 20 -4.95 -5.84 -1.05
C LYS B 20 -5.72 -5.80 0.25
N VAL B 21 -5.20 -5.13 1.28
CA VAL B 21 -5.91 -5.06 2.57
C VAL B 21 -6.91 -3.90 2.59
N GLU B 22 -6.60 -2.80 1.90
CA GLU B 22 -7.51 -1.67 1.85
C GLU B 22 -8.89 -2.10 1.39
N GLY B 23 -8.94 -2.97 0.38
CA GLY B 23 -10.21 -3.46 -0.15
C GLY B 23 -11.00 -4.35 0.77
N CYS B 24 -10.47 -4.67 1.95
CA CYS B 24 -11.15 -5.53 2.92
C CYS B 24 -11.60 -4.79 4.17
N MET B 25 -11.34 -3.48 4.28
CA MET B 25 -11.64 -2.78 5.52
C MET B 25 -13.07 -2.26 5.47
N VAL B 26 -13.80 -2.44 6.57
CA VAL B 26 -15.17 -1.94 6.69
C VAL B 26 -15.34 -1.28 8.06
N GLN B 27 -16.52 -0.70 8.25
CA GLN B 27 -16.92 -0.03 9.48
C GLN B 27 -18.03 -0.86 10.12
N VAL B 28 -17.90 -1.19 11.40
CA VAL B 28 -18.89 -2.00 12.10
C VAL B 28 -19.41 -1.17 13.27
N THR B 29 -20.74 -1.00 13.31
CA THR B 29 -21.39 -0.16 14.31
C THR B 29 -22.38 -1.00 15.12
N CYS B 30 -22.27 -0.91 16.44
CA CYS B 30 -23.25 -1.46 17.37
C CYS B 30 -23.57 -0.39 18.39
N GLY B 31 -24.78 0.17 18.32
CA GLY B 31 -25.17 1.24 19.21
C GLY B 31 -24.34 2.49 19.06
N THR B 32 -23.50 2.81 20.06
CA THR B 32 -22.61 3.95 20.00
C THR B 32 -21.15 3.54 19.96
N THR B 33 -20.87 2.28 19.61
CA THR B 33 -19.52 1.83 19.35
C THR B 33 -19.40 1.54 17.86
N THR B 34 -18.45 2.20 17.22
CA THR B 34 -18.09 1.93 15.83
C THR B 34 -16.59 1.72 15.74
N LEU B 35 -16.18 0.70 15.01
CA LEU B 35 -14.76 0.41 14.86
C LEU B 35 -14.55 -0.26 13.51
N ASN B 36 -13.29 -0.62 13.25
CA ASN B 36 -12.90 -1.24 12.00
C ASN B 36 -13.16 -2.73 12.02
N GLY B 37 -13.50 -3.27 10.85
CA GLY B 37 -13.63 -4.70 10.69
C GLY B 37 -12.98 -5.15 9.39
N LEU B 38 -12.74 -6.45 9.31
CA LEU B 38 -12.09 -7.07 8.17
C LEU B 38 -13.11 -7.95 7.45
N TRP B 39 -13.30 -7.72 6.16
CA TRP B 39 -14.34 -8.37 5.36
C TRP B 39 -13.68 -9.32 4.38
N LEU B 40 -13.75 -10.62 4.66
CA LEU B 40 -13.14 -11.64 3.83
C LEU B 40 -14.21 -12.64 3.47
N ASP B 41 -14.34 -12.94 2.17
CA ASP B 41 -15.43 -13.80 1.68
C ASP B 41 -16.71 -13.22 2.27
N ASP B 42 -17.56 -14.01 2.93
CA ASP B 42 -18.81 -13.50 3.43
C ASP B 42 -18.80 -13.28 4.94
N VAL B 43 -17.64 -13.11 5.55
CA VAL B 43 -17.52 -12.91 6.99
C VAL B 43 -16.81 -11.58 7.27
N VAL B 44 -17.28 -10.87 8.30
CA VAL B 44 -16.63 -9.67 8.81
C VAL B 44 -16.08 -9.97 10.19
N TYR B 45 -14.78 -9.80 10.37
CA TYR B 45 -14.13 -9.99 11.66
C TYR B 45 -13.92 -8.63 12.31
N CYS B 46 -14.16 -8.55 13.61
CA CYS B 46 -13.94 -7.30 14.33
C CYS B 46 -13.77 -7.62 15.80
N PRO B 47 -13.22 -6.69 16.60
CA PRO B 47 -13.12 -6.94 18.04
C PRO B 47 -14.50 -7.15 18.67
N ARG B 48 -14.59 -8.16 19.56
CA ARG B 48 -15.87 -8.47 20.17
C ARG B 48 -16.35 -7.35 21.08
N HIS B 49 -15.44 -6.56 21.65
CA HIS B 49 -15.89 -5.51 22.56
C HIS B 49 -16.69 -4.40 21.85
N VAL B 50 -17.06 -4.58 20.59
CA VAL B 50 -17.99 -3.65 19.94
C VAL B 50 -19.39 -3.79 20.51
N ILE B 51 -19.69 -4.92 21.17
CA ILE B 51 -21.00 -5.12 21.78
C ILE B 51 -21.10 -4.54 23.19
N CYS B 52 -19.99 -4.09 23.77
CA CYS B 52 -20.04 -3.42 25.05
C CYS B 52 -20.43 -1.96 24.87
N THR B 53 -20.89 -1.36 25.97
CA THR B 53 -21.14 0.06 26.04
C THR B 53 -20.21 0.67 27.10
N SER B 54 -20.48 1.92 27.47
CA SER B 54 -19.58 2.63 28.38
C SER B 54 -19.51 1.99 29.76
N GLU B 55 -20.48 1.14 30.13
CA GLU B 55 -20.45 0.45 31.41
C GLU B 55 -20.12 -1.04 31.29
N ASP B 56 -20.38 -1.66 30.15
CA ASP B 56 -20.13 -3.09 29.97
C ASP B 56 -18.64 -3.43 29.86
N MET B 57 -17.72 -2.49 30.09
CA MET B 57 -16.29 -2.77 29.97
C MET B 57 -15.67 -3.24 31.28
N LEU B 58 -16.26 -2.91 32.43
CA LEU B 58 -15.70 -3.32 33.71
C LEU B 58 -15.77 -4.84 33.88
N ASN B 59 -16.96 -5.41 33.73
CA ASN B 59 -17.14 -6.86 33.79
C ASN B 59 -18.24 -7.23 32.81
N PRO B 60 -17.87 -7.76 31.63
CA PRO B 60 -18.89 -8.16 30.65
C PRO B 60 -19.17 -9.65 30.64
N ASN B 61 -20.39 -10.03 30.28
CA ASN B 61 -20.78 -11.41 30.06
C ASN B 61 -21.01 -11.57 28.55
N TYR B 62 -19.91 -11.80 27.83
CA TYR B 62 -19.98 -11.87 26.38
C TYR B 62 -20.90 -13.00 25.90
N GLU B 63 -21.11 -14.03 26.72
CA GLU B 63 -22.04 -15.10 26.35
C GLU B 63 -23.48 -14.59 26.38
N ASP B 64 -23.88 -13.97 27.49
CA ASP B 64 -25.21 -13.37 27.56
C ASP B 64 -25.39 -12.33 26.46
N LEU B 65 -24.42 -11.45 26.29
CA LEU B 65 -24.59 -10.29 25.42
C LEU B 65 -24.82 -10.70 23.97
N LEU B 66 -24.01 -11.64 23.46
CA LEU B 66 -24.13 -12.02 22.06
C LEU B 66 -25.43 -12.76 21.77
N ILE B 67 -26.02 -13.40 22.79
CA ILE B 67 -27.35 -13.96 22.63
C ILE B 67 -28.40 -12.85 22.59
N ARG B 68 -28.20 -11.81 23.41
CA ARG B 68 -29.17 -10.73 23.57
C ARG B 68 -29.24 -9.79 22.37
N LYS B 69 -28.37 -9.95 21.38
CA LYS B 69 -28.30 -9.02 20.24
C LYS B 69 -28.92 -9.62 19.00
N SER B 70 -29.48 -8.77 18.17
CA SER B 70 -30.04 -9.15 16.87
C SER B 70 -29.01 -8.94 15.76
N ASN B 71 -29.27 -9.54 14.61
CA ASN B 71 -28.49 -9.24 13.42
C ASN B 71 -28.65 -7.78 13.02
N HIS B 72 -29.86 -7.22 13.18
CA HIS B 72 -30.10 -5.82 12.85
C HIS B 72 -29.47 -4.86 13.84
N ASN B 73 -28.99 -5.35 14.99
CA ASN B 73 -28.23 -4.52 15.91
C ASN B 73 -26.81 -4.23 15.43
N PHE B 74 -26.41 -4.75 14.27
CA PHE B 74 -25.08 -4.55 13.72
C PHE B 74 -25.19 -3.76 12.42
N LEU B 75 -24.44 -2.67 12.32
CA LEU B 75 -24.41 -1.84 11.12
C LEU B 75 -23.04 -2.01 10.47
N VAL B 76 -23.02 -2.68 9.31
CA VAL B 76 -21.79 -2.94 8.58
C VAL B 76 -21.81 -2.11 7.31
N GLN B 77 -20.83 -1.21 7.17
CA GLN B 77 -20.71 -0.36 6.00
C GLN B 77 -19.34 -0.53 5.35
N ALA B 78 -19.34 -0.80 4.05
CA ALA B 78 -18.13 -0.84 3.25
C ALA B 78 -18.15 0.42 2.39
N GLY B 79 -17.51 1.47 2.88
CA GLY B 79 -17.69 2.78 2.27
C GLY B 79 -19.14 3.20 2.42
N ASN B 80 -19.82 3.40 1.28
CA ASN B 80 -21.22 3.77 1.28
C ASN B 80 -22.14 2.59 0.95
N VAL B 81 -21.62 1.37 0.98
CA VAL B 81 -22.43 0.17 0.78
C VAL B 81 -22.75 -0.43 2.13
N GLN B 82 -24.03 -0.68 2.38
CA GLN B 82 -24.44 -1.33 3.62
C GLN B 82 -24.51 -2.83 3.40
N LEU B 83 -24.06 -3.58 4.40
CA LEU B 83 -24.05 -5.04 4.37
C LEU B 83 -24.99 -5.55 5.46
N ARG B 84 -25.85 -6.49 5.12
CA ARG B 84 -26.81 -7.03 6.07
C ARG B 84 -26.19 -8.23 6.78
N VAL B 85 -26.11 -8.16 8.10
CA VAL B 85 -25.67 -9.30 8.89
C VAL B 85 -26.79 -10.34 8.92
N ILE B 86 -26.48 -11.57 8.52
CA ILE B 86 -27.43 -12.67 8.54
C ILE B 86 -27.07 -13.69 9.63
N GLY B 87 -26.24 -13.30 10.58
CA GLY B 87 -25.83 -14.20 11.63
C GLY B 87 -24.53 -13.78 12.30
N HIS B 88 -24.37 -14.12 13.57
CA HIS B 88 -23.20 -13.72 14.33
C HIS B 88 -22.74 -14.87 15.22
N SER B 89 -21.43 -14.96 15.40
CA SER B 89 -20.86 -15.82 16.43
C SER B 89 -19.59 -15.17 16.95
N MET B 90 -19.02 -15.78 17.98
CA MET B 90 -17.86 -15.26 18.66
C MET B 90 -16.81 -16.35 18.69
N GLN B 91 -15.64 -16.08 18.11
CA GLN B 91 -14.51 -16.99 18.18
C GLN B 91 -13.48 -16.36 19.11
N ASN B 92 -13.37 -16.92 20.32
CA ASN B 92 -12.52 -16.35 21.35
C ASN B 92 -12.83 -14.88 21.58
N CYS B 93 -11.95 -13.97 21.12
CA CYS B 93 -12.13 -12.55 21.36
C CYS B 93 -12.50 -11.76 20.10
N VAL B 94 -12.78 -12.41 18.99
CA VAL B 94 -13.23 -11.72 17.78
C VAL B 94 -14.66 -12.13 17.48
N LEU B 95 -15.47 -11.15 17.11
CA LEU B 95 -16.83 -11.36 16.65
C LEU B 95 -16.80 -11.67 15.15
N LYS B 96 -17.50 -12.72 14.74
CA LYS B 96 -17.57 -13.07 13.32
C LYS B 96 -18.99 -12.82 12.85
N LEU B 97 -19.16 -11.84 11.98
CA LEU B 97 -20.45 -11.47 11.44
C LEU B 97 -20.59 -12.05 10.05
N LYS B 98 -21.58 -12.90 9.86
CA LYS B 98 -21.89 -13.43 8.53
C LYS B 98 -22.75 -12.41 7.79
N VAL B 99 -22.42 -12.14 6.52
CA VAL B 99 -23.12 -11.13 5.75
C VAL B 99 -23.63 -11.76 4.46
N ASP B 100 -24.62 -11.09 3.86
CA ASP B 100 -25.36 -11.67 2.75
C ASP B 100 -24.58 -11.68 1.44
N THR B 101 -23.38 -11.11 1.39
CA THR B 101 -22.65 -11.05 0.13
C THR B 101 -21.16 -11.15 0.40
N ALA B 102 -20.46 -11.90 -0.43
CA ALA B 102 -19.02 -12.06 -0.27
C ALA B 102 -18.29 -10.87 -0.85
N ASN B 103 -17.14 -10.58 -0.26
CA ASN B 103 -16.29 -9.48 -0.73
C ASN B 103 -15.67 -9.83 -2.07
N PRO B 104 -15.99 -9.11 -3.14
CA PRO B 104 -15.40 -9.44 -4.45
C PRO B 104 -13.91 -9.16 -4.51
N LYS B 105 -13.37 -8.42 -3.55
CA LYS B 105 -11.96 -8.06 -3.51
C LYS B 105 -11.18 -8.91 -2.51
N THR B 106 -11.75 -10.02 -2.05
CA THR B 106 -11.03 -10.88 -1.12
C THR B 106 -9.75 -11.37 -1.78
N PRO B 107 -8.58 -11.11 -1.20
CA PRO B 107 -7.34 -11.72 -1.71
C PRO B 107 -7.21 -13.15 -1.22
N LYS B 108 -6.22 -13.84 -1.78
CA LYS B 108 -5.73 -15.06 -1.14
C LYS B 108 -5.19 -14.69 0.23
N TYR B 109 -5.58 -15.44 1.25
CA TYR B 109 -5.19 -15.08 2.61
C TYR B 109 -5.00 -16.32 3.47
N LYS B 110 -4.18 -16.18 4.51
CA LYS B 110 -4.16 -17.11 5.61
C LYS B 110 -4.10 -16.34 6.93
N PHE B 111 -4.52 -17.00 8.00
CA PHE B 111 -4.37 -16.48 9.36
C PHE B 111 -3.14 -17.14 9.97
N VAL B 112 -2.19 -16.33 10.44
CA VAL B 112 -0.98 -16.88 11.05
C VAL B 112 -0.74 -16.19 12.38
N ARG B 113 0.01 -16.85 13.24
CA ARG B 113 0.37 -16.25 14.52
C ARG B 113 1.86 -15.97 14.49
N ILE B 114 2.23 -14.76 14.90
CA ILE B 114 3.62 -14.32 14.88
C ILE B 114 4.16 -14.25 16.29
N GLN B 115 5.47 -14.08 16.41
CA GLN B 115 6.17 -14.03 17.67
C GLN B 115 6.79 -12.66 17.86
N PRO B 116 7.04 -12.26 19.11
CA PRO B 116 7.79 -11.01 19.35
C PRO B 116 9.16 -11.06 18.68
N GLY B 117 9.54 -9.93 18.08
CA GLY B 117 10.70 -9.83 17.23
C GLY B 117 10.36 -9.85 15.76
N GLN B 118 9.29 -10.51 15.38
CA GLN B 118 8.90 -10.60 13.98
C GLN B 118 8.14 -9.35 13.56
N THR B 119 8.55 -8.78 12.43
CA THR B 119 7.93 -7.55 11.94
C THR B 119 6.72 -7.88 11.08
N PHE B 120 5.84 -6.89 10.95
CA PHE B 120 4.68 -6.99 10.09
C PHE B 120 4.23 -5.57 9.82
N SER B 121 3.40 -5.42 8.80
CA SER B 121 2.85 -4.11 8.42
C SER B 121 1.48 -3.94 9.05
N VAL B 122 1.19 -2.72 9.50
CA VAL B 122 -0.12 -2.38 10.03
C VAL B 122 -0.74 -1.33 9.12
N LEU B 123 -1.99 -1.54 8.71
CA LEU B 123 -2.76 -0.54 7.97
C LEU B 123 -3.62 0.18 9.00
N ALA B 124 -3.19 1.36 9.42
CA ALA B 124 -3.93 2.10 10.43
C ALA B 124 -5.17 2.71 9.79
N CYS B 125 -6.34 2.46 10.39
CA CYS B 125 -7.62 2.94 9.90
C CYS B 125 -8.36 3.67 11.02
N TYR B 126 -8.99 4.78 10.67
CA TYR B 126 -9.86 5.50 11.59
C TYR B 126 -11.26 5.54 10.99
N ASN B 127 -12.18 4.78 11.59
CA ASN B 127 -13.59 4.69 11.16
C ASN B 127 -13.69 4.06 9.76
N GLY B 128 -13.01 2.94 9.57
CA GLY B 128 -13.09 2.20 8.32
C GLY B 128 -12.29 2.76 7.16
N SER B 129 -11.63 3.91 7.32
CA SER B 129 -10.89 4.55 6.22
C SER B 129 -9.39 4.49 6.45
N PRO B 130 -8.64 3.87 5.53
CA PRO B 130 -7.20 3.68 5.74
C PRO B 130 -6.45 5.01 5.78
N SER B 131 -5.59 5.14 6.79
CA SER B 131 -4.88 6.38 7.06
C SER B 131 -3.39 6.30 6.76
N GLY B 132 -2.76 5.17 7.06
CA GLY B 132 -1.33 5.04 6.84
C GLY B 132 -0.89 3.62 7.03
N VAL B 133 0.28 3.33 6.47
CA VAL B 133 0.90 2.01 6.60
C VAL B 133 2.19 2.19 7.39
N TYR B 134 2.40 1.30 8.37
CA TYR B 134 3.50 1.34 9.31
C TYR B 134 4.07 -0.07 9.42
N GLN B 135 5.40 -0.17 9.46
CA GLN B 135 6.04 -1.43 9.78
C GLN B 135 6.31 -1.47 11.28
N CYS B 136 5.88 -2.52 11.98
CA CYS B 136 6.11 -2.65 13.42
CA CYS B 136 6.23 -2.61 13.38
C CYS B 136 6.61 -4.05 13.72
N ALA B 137 6.96 -4.26 14.98
CA ALA B 137 7.34 -5.56 15.51
C ALA B 137 6.81 -5.64 16.92
N MET B 138 6.42 -6.82 17.35
CA MET B 138 5.95 -6.97 18.71
C MET B 138 7.13 -7.07 19.66
N ARG B 139 7.02 -6.39 20.80
CA ARG B 139 8.03 -6.45 21.83
C ARG B 139 7.87 -7.73 22.65
N PRO B 140 8.92 -8.15 23.38
CA PRO B 140 8.83 -9.41 24.15
C PRO B 140 7.70 -9.48 25.16
N ASN B 141 7.06 -8.36 25.50
CA ASN B 141 5.88 -8.38 26.36
C ASN B 141 4.58 -8.41 25.56
N PHE B 142 4.66 -8.66 24.24
CA PHE B 142 3.49 -8.81 23.39
C PHE B 142 2.70 -7.51 23.24
N THR B 143 3.40 -6.38 23.26
CA THR B 143 2.78 -5.09 22.99
C THR B 143 3.49 -4.40 21.82
N ILE B 144 2.79 -3.45 21.23
CA ILE B 144 3.32 -2.62 20.16
C ILE B 144 3.28 -1.17 20.63
N LYS B 145 4.42 -0.49 20.49
CA LYS B 145 4.51 0.94 20.78
C LYS B 145 4.18 1.70 19.50
N GLY B 146 3.17 2.56 19.56
CA GLY B 146 2.82 3.36 18.40
C GLY B 146 1.59 4.22 18.57
N SER B 147 1.78 5.54 18.63
CA SER B 147 0.65 6.46 18.69
C SER B 147 -0.22 6.39 17.45
N PHE B 148 0.24 5.73 16.39
CA PHE B 148 -0.53 5.62 15.16
C PHE B 148 -1.71 4.67 15.29
N LEU B 149 -1.79 3.87 16.35
CA LEU B 149 -2.92 2.97 16.55
C LEU B 149 -4.02 3.58 17.41
N ASN B 150 -3.85 4.82 17.87
CA ASN B 150 -4.86 5.46 18.72
C ASN B 150 -6.17 5.61 17.98
N GLY B 151 -7.25 5.07 18.57
CA GLY B 151 -8.57 5.12 17.98
C GLY B 151 -8.80 4.21 16.80
N SER B 152 -7.85 3.33 16.50
CA SER B 152 -7.88 2.53 15.29
C SER B 152 -8.25 1.07 15.55
N ALA B 153 -9.01 0.81 16.62
CA ALA B 153 -9.39 -0.56 16.98
C ALA B 153 -9.99 -1.28 15.78
N GLY B 154 -9.53 -2.52 15.57
CA GLY B 154 -9.92 -3.29 14.41
C GLY B 154 -8.97 -3.23 13.23
N SER B 155 -8.01 -2.29 13.23
CA SER B 155 -6.98 -2.31 12.19
C SER B 155 -6.15 -3.60 12.30
N VAL B 156 -5.63 -4.07 11.17
CA VAL B 156 -4.96 -5.35 11.16
C VAL B 156 -3.49 -5.22 10.78
N GLY B 157 -2.73 -6.26 11.13
CA GLY B 157 -1.36 -6.42 10.70
C GLY B 157 -1.23 -7.62 9.79
N PHE B 158 -0.28 -7.54 8.86
CA PHE B 158 -0.19 -8.54 7.81
C PHE B 158 1.22 -8.58 7.26
N ASN B 159 1.53 -9.68 6.59
CA ASN B 159 2.67 -9.81 5.70
C ASN B 159 2.16 -10.32 4.37
N ILE B 160 2.94 -10.14 3.32
CA ILE B 160 2.57 -10.63 1.99
C ILE B 160 3.70 -11.50 1.48
N ASP B 161 3.34 -12.69 0.99
CA ASP B 161 4.27 -13.63 0.39
C ASP B 161 3.66 -14.04 -0.94
N TYR B 162 4.38 -13.77 -2.04
CA TYR B 162 3.85 -13.98 -3.38
C TYR B 162 2.50 -13.27 -3.49
N ASP B 163 1.43 -13.99 -3.78
CA ASP B 163 0.12 -13.35 -3.92
C ASP B 163 -0.74 -13.41 -2.66
N CYS B 164 -0.17 -13.83 -1.52
CA CYS B 164 -0.99 -14.25 -0.38
C CYS B 164 -0.78 -13.33 0.82
N VAL B 165 -1.87 -12.86 1.38
CA VAL B 165 -1.83 -11.97 2.55
C VAL B 165 -1.93 -12.82 3.81
N SER B 166 -0.91 -12.78 4.65
CA SER B 166 -0.94 -13.48 5.93
C SER B 166 -1.34 -12.49 7.00
N PHE B 167 -2.60 -12.54 7.43
CA PHE B 167 -3.04 -11.69 8.53
C PHE B 167 -2.55 -12.26 9.85
N CYS B 168 -1.92 -11.43 10.66
CA CYS B 168 -1.33 -11.93 11.90
C CYS B 168 -1.76 -11.16 13.14
N TYR B 169 -2.55 -10.09 12.99
CA TYR B 169 -2.80 -9.21 14.13
C TYR B 169 -4.04 -8.38 13.89
N MET B 170 -4.79 -8.16 14.96
CA MET B 170 -5.93 -7.24 14.97
C MET B 170 -5.82 -6.40 16.24
N HIS B 171 -5.80 -5.08 16.08
CA HIS B 171 -5.66 -4.18 17.21
C HIS B 171 -6.97 -4.12 18.00
N HIS B 172 -6.86 -4.16 19.33
CA HIS B 172 -8.05 -4.20 20.18
C HIS B 172 -8.20 -2.97 21.06
N MET B 173 -7.22 -2.62 21.88
CA MET B 173 -7.37 -1.45 22.72
C MET B 173 -6.00 -0.94 23.15
N GLU B 174 -5.99 0.28 23.67
CA GLU B 174 -4.79 0.85 24.26
C GLU B 174 -4.71 0.45 25.73
N LEU B 175 -3.51 0.35 26.21
CA LEU B 175 -3.28 0.15 27.63
C LEU B 175 -3.03 1.49 28.31
N PRO B 176 -3.30 1.57 29.61
CA PRO B 176 -2.97 2.80 30.36
C PRO B 176 -1.55 3.27 30.15
N THR B 177 -0.61 2.35 29.92
CA THR B 177 0.80 2.68 29.68
C THR B 177 1.04 3.30 28.31
N GLY B 178 0.01 3.48 27.48
CA GLY B 178 0.16 4.02 26.16
C GLY B 178 0.44 3.00 25.07
N VAL B 179 0.86 1.79 25.42
CA VAL B 179 1.15 0.74 24.45
C VAL B 179 -0.16 0.11 23.98
N HIS B 180 -0.08 -0.77 22.99
CA HIS B 180 -1.24 -1.35 22.34
C HIS B 180 -1.22 -2.87 22.44
N ALA B 181 -2.40 -3.46 22.43
CA ALA B 181 -2.58 -4.89 22.60
C ALA B 181 -3.65 -5.39 21.64
N GLY B 182 -3.44 -6.58 21.10
CA GLY B 182 -4.41 -7.15 20.19
C GLY B 182 -4.31 -8.65 20.14
N THR B 183 -5.07 -9.23 19.20
CA THR B 183 -5.17 -10.67 19.05
C THR B 183 -4.67 -11.08 17.68
N ASP B 184 -4.59 -12.40 17.48
CA ASP B 184 -4.48 -12.93 16.14
C ASP B 184 -5.87 -12.97 15.52
N LEU B 185 -5.97 -13.49 14.31
CA LEU B 185 -7.28 -13.47 13.65
C LEU B 185 -8.17 -14.62 14.08
N GLU B 186 -7.71 -15.46 15.00
CA GLU B 186 -8.58 -16.44 15.65
C GLU B 186 -9.04 -15.99 17.03
N GLY B 187 -8.80 -14.72 17.39
CA GLY B 187 -9.27 -14.17 18.64
C GLY B 187 -8.38 -14.42 19.84
N ASN B 188 -7.25 -15.10 19.69
CA ASN B 188 -6.36 -15.34 20.80
C ASN B 188 -5.47 -14.11 21.00
N PHE B 189 -5.56 -13.50 22.19
CA PHE B 189 -4.74 -12.33 22.51
C PHE B 189 -3.26 -12.66 22.45
N TYR B 190 -2.46 -11.65 22.14
CA TYR B 190 -1.02 -11.74 22.28
C TYR B 190 -0.66 -11.31 23.69
N GLY B 191 -0.07 -12.22 24.46
CA GLY B 191 0.33 -11.92 25.81
C GLY B 191 -0.81 -11.98 26.82
N PRO B 192 -0.50 -11.67 28.08
CA PRO B 192 -1.49 -11.75 29.17
C PRO B 192 -2.43 -10.55 29.22
N PHE B 193 -3.47 -10.59 28.40
CA PHE B 193 -4.46 -9.51 28.36
C PHE B 193 -5.85 -10.11 28.18
N VAL B 194 -6.84 -9.35 28.64
CA VAL B 194 -8.25 -9.72 28.54
C VAL B 194 -9.03 -8.45 28.25
N ASP B 195 -9.98 -8.55 27.31
CA ASP B 195 -10.74 -7.37 26.88
C ASP B 195 -11.75 -6.99 27.97
N ARG B 196 -11.22 -6.38 29.04
CA ARG B 196 -12.06 -5.89 30.13
C ARG B 196 -11.35 -4.76 30.89
#